data_4FDV
#
_entry.id   4FDV
#
_cell.length_a   70.251
_cell.length_b   66.028
_cell.length_c   48.480
_cell.angle_alpha   90.00
_cell.angle_beta   98.98
_cell.angle_gamma   90.00
#
_symmetry.space_group_name_H-M   'C 1 2 1'
#
loop_
_entity.id
_entity.type
_entity.pdbx_description
1 polymer 'Precorrin-8X methylmutase'
2 non-polymer '3-[(1R,2R,3R,5R,6S,7R,9Z,12S,13S,14Z,17S,18S,19R)-2,13,18-tris(2-hydroxy-2-oxoethyl)-3,12,17-tris(3-hydroxy-3-oxopropyl)-3,5,8,8,13,15,18,19-octamethyl-1,2,5,6,7,12,17,22-octahydrocorrin-7-yl]propanoic acid'
3 non-polymer GLYCEROL
4 water water
#
_entity_poly.entity_id   1
_entity_poly.type   'polypeptide(L)'
_entity_poly.pdbx_seq_one_letter_code
;MPHEYEKDGAKIYVQSFATIRAEADLARFTPEEEVVVVRMIHAAGMVGLENHVRFAPGMAIAARAALEAGAPILCDARMV
SEGITRARLPAKNEVICTLQDPRVPALAQEMGNTRSAAALELWRPKLEGAVVAIGNAPTALFHLLNMLEDPACPRPAAII
GCPVGFIGAAESKAALAVANPVPWVIVEGRLGGSAITVAAVNALACRKE
;
_entity_poly.pdbx_strand_id   A
#
loop_
_chem_comp.id
_chem_comp.type
_chem_comp.name
_chem_comp.formula
0UK non-polymer '3-[(1R,2R,3R,5R,6S,7R,9Z,12S,13S,14Z,17S,18S,19R)-2,13,18-tris(2-hydroxy-2-oxoethyl)-3,12,17-tris(3-hydroxy-3-oxopropyl)-3,5,8,8,13,15,18,19-octamethyl-1,2,5,6,7,12,17,22-octahydrocorrin-7-yl]propanoic acid' 'C45 H62 N4 O14'
GOL non-polymer GLYCEROL 'C3 H8 O3'
#
# COMPACT_ATOMS: atom_id res chain seq x y z
N PRO A 2 4.89 40.19 2.62
CA PRO A 2 5.20 38.77 2.47
C PRO A 2 4.03 37.98 1.88
N HIS A 3 4.30 36.74 1.48
CA HIS A 3 3.28 35.81 1.03
C HIS A 3 2.43 35.35 2.21
N GLU A 4 1.11 35.44 2.03
CA GLU A 4 0.13 34.98 3.00
C GLU A 4 -0.34 33.59 2.59
N TYR A 5 -0.57 32.74 3.59
CA TYR A 5 -1.02 31.36 3.36
C TYR A 5 -1.46 30.76 4.67
N GLU A 6 -2.23 29.67 4.59
CA GLU A 6 -2.70 28.95 5.77
C GLU A 6 -1.56 28.16 6.41
N LYS A 7 -1.38 28.30 7.73
CA LYS A 7 -0.25 27.69 8.45
C LYS A 7 -0.66 26.66 9.50
N ASP A 8 -1.97 26.48 9.68
CA ASP A 8 -2.44 25.53 10.67
C ASP A 8 -2.65 24.19 9.97
N GLY A 9 -1.75 23.24 10.26
CA GLY A 9 -1.73 21.95 9.57
C GLY A 9 -2.97 21.11 9.86
N ALA A 10 -3.47 21.20 11.09
CA ALA A 10 -4.67 20.46 11.46
C ALA A 10 -5.86 20.94 10.60
N LYS A 11 -5.95 22.26 10.44
CA LYS A 11 -6.97 22.90 9.62
C LYS A 11 -6.82 22.53 8.14
N ILE A 12 -5.58 22.54 7.65
CA ILE A 12 -5.32 22.20 6.25
C ILE A 12 -5.86 20.81 5.93
N TYR A 13 -5.58 19.85 6.81
CA TYR A 13 -6.10 18.48 6.64
C TYR A 13 -7.60 18.48 6.53
N VAL A 14 -8.26 19.16 7.49
CA VAL A 14 -9.71 19.13 7.54
C VAL A 14 -10.30 19.70 6.26
N GLN A 15 -9.73 20.82 5.81
CA GLN A 15 -10.16 21.46 4.58
C GLN A 15 -9.90 20.59 3.34
N SER A 16 -8.75 19.91 3.33
CA SER A 16 -8.39 19.06 2.20
C SER A 16 -9.42 17.93 2.06
N PHE A 17 -9.65 17.22 3.15
CA PHE A 17 -10.61 16.10 3.10
C PHE A 17 -12.03 16.56 2.77
N ALA A 18 -12.42 17.73 3.27
CA ALA A 18 -13.73 18.29 2.96
C ALA A 18 -13.88 18.67 1.48
N THR A 19 -12.79 19.14 0.87
CA THR A 19 -12.79 19.49 -0.55
C THR A 19 -12.92 18.22 -1.36
N ILE A 20 -12.14 17.20 -0.99
CA ILE A 20 -12.20 15.92 -1.66
C ILE A 20 -13.61 15.32 -1.60
N ARG A 21 -14.22 15.31 -0.40
CA ARG A 21 -15.55 14.70 -0.27
C ARG A 21 -16.60 15.49 -1.05
N ALA A 22 -16.41 16.81 -1.16
CA ALA A 22 -17.31 17.66 -1.96
C ALA A 22 -17.21 17.40 -3.47
N GLU A 23 -16.05 16.92 -3.93
CA GLU A 23 -15.80 16.78 -5.38
C GLU A 23 -15.84 15.35 -5.91
N ALA A 24 -15.46 14.40 -5.05
CA ALA A 24 -15.23 13.03 -5.49
C ALA A 24 -16.49 12.17 -5.56
N ASP A 25 -16.38 11.10 -6.33
CA ASP A 25 -17.48 10.19 -6.59
C ASP A 25 -17.31 8.93 -5.70
N LEU A 26 -17.76 9.01 -4.45
CA LEU A 26 -17.36 8.01 -3.45
C LEU A 26 -18.45 7.07 -2.96
N ALA A 27 -19.65 7.15 -3.56
CA ALA A 27 -20.82 6.43 -3.05
C ALA A 27 -20.70 4.90 -2.98
N ARG A 28 -19.99 4.29 -3.94
CA ARG A 28 -19.89 2.83 -4.02
C ARG A 28 -19.01 2.21 -2.94
N PHE A 29 -18.26 3.04 -2.21
CA PHE A 29 -17.36 2.49 -1.20
C PHE A 29 -18.06 2.35 0.14
N THR A 30 -17.76 1.28 0.84
CA THR A 30 -18.21 1.14 2.23
C THR A 30 -17.55 2.21 3.09
N PRO A 31 -18.09 2.46 4.30
CA PRO A 31 -17.48 3.49 5.16
C PRO A 31 -15.98 3.26 5.42
N GLU A 32 -15.59 2.00 5.61
CA GLU A 32 -14.20 1.67 5.89
C GLU A 32 -13.34 1.87 4.65
N GLU A 33 -13.92 1.59 3.49
CA GLU A 33 -13.18 1.79 2.23
C GLU A 33 -13.06 3.28 1.90
N GLU A 34 -14.14 4.01 2.16
CA GLU A 34 -14.23 5.44 1.80
C GLU A 34 -13.10 6.24 2.46
N VAL A 35 -12.80 5.95 3.71
CA VAL A 35 -11.75 6.67 4.45
C VAL A 35 -10.39 6.47 3.76
N VAL A 36 -10.15 5.25 3.31
CA VAL A 36 -8.91 4.91 2.61
C VAL A 36 -8.85 5.67 1.28
N VAL A 37 -9.94 5.64 0.52
CA VAL A 37 -9.95 6.29 -0.78
C VAL A 37 -9.71 7.80 -0.66
N VAL A 38 -10.33 8.41 0.34
CA VAL A 38 -10.16 9.84 0.57
C VAL A 38 -8.68 10.18 0.81
N ARG A 39 -8.00 9.36 1.59
CA ARG A 39 -6.61 9.68 1.90
C ARG A 39 -5.75 9.46 0.66
N MET A 40 -6.09 8.46 -0.16
CA MET A 40 -5.37 8.22 -1.41
C MET A 40 -5.51 9.41 -2.36
N ILE A 41 -6.73 9.93 -2.51
CA ILE A 41 -6.97 11.13 -3.33
C ILE A 41 -6.13 12.32 -2.82
N HIS A 42 -6.18 12.52 -1.50
CA HIS A 42 -5.43 13.57 -0.82
C HIS A 42 -3.94 13.46 -1.19
N ALA A 43 -3.38 12.27 -1.09
CA ALA A 43 -1.95 12.08 -1.39
C ALA A 43 -1.58 12.34 -2.85
N ALA A 44 -2.50 12.02 -3.77
CA ALA A 44 -2.30 12.16 -5.22
C ALA A 44 -2.63 13.55 -5.76
N GLY A 45 -3.41 14.33 -5.00
CA GLY A 45 -3.90 15.62 -5.48
C GLY A 45 -4.81 15.44 -6.70
N MET A 46 -5.55 14.33 -6.72
CA MET A 46 -6.22 13.92 -7.94
C MET A 46 -7.63 13.40 -7.71
N VAL A 47 -8.61 14.31 -7.70
CA VAL A 47 -10.00 13.87 -7.78
C VAL A 47 -10.17 13.14 -9.12
N GLY A 48 -10.82 11.99 -9.07
CA GLY A 48 -10.88 11.10 -10.24
C GLY A 48 -10.11 9.81 -10.01
N LEU A 49 -9.13 9.85 -9.10
CA LEU A 49 -8.41 8.62 -8.74
C LEU A 49 -9.35 7.49 -8.31
N GLU A 50 -10.42 7.88 -7.61
CA GLU A 50 -11.37 6.93 -7.02
C GLU A 50 -12.05 6.08 -8.10
N ASN A 51 -12.09 6.57 -9.35
CA ASN A 51 -12.66 5.76 -10.43
C ASN A 51 -11.80 4.53 -10.75
N HIS A 52 -10.57 4.48 -10.22
CA HIS A 52 -9.65 3.39 -10.51
C HIS A 52 -9.41 2.46 -9.32
N VAL A 53 -9.93 2.82 -8.15
CA VAL A 53 -9.65 2.03 -6.96
C VAL A 53 -10.59 0.82 -6.84
N ARG A 54 -10.01 -0.35 -6.55
CA ARG A 54 -10.79 -1.59 -6.34
C ARG A 54 -10.36 -2.25 -5.03
N PHE A 55 -11.32 -2.66 -4.20
CA PHE A 55 -11.04 -3.41 -2.96
C PHE A 55 -11.66 -4.79 -3.05
N ALA A 56 -10.94 -5.81 -2.56
CA ALA A 56 -11.60 -7.08 -2.23
C ALA A 56 -12.59 -6.81 -1.11
N PRO A 57 -13.78 -7.42 -1.17
CA PRO A 57 -14.72 -7.29 -0.04
C PRO A 57 -14.06 -7.61 1.31
N GLY A 58 -14.20 -6.70 2.27
CA GLY A 58 -13.65 -6.88 3.62
C GLY A 58 -12.17 -6.58 3.81
N MET A 59 -11.48 -6.17 2.73
CA MET A 59 -10.06 -5.87 2.87
C MET A 59 -9.78 -4.76 3.89
N ALA A 60 -10.49 -3.64 3.76
CA ALA A 60 -10.25 -2.50 4.65
C ALA A 60 -10.43 -2.89 6.13
N ILE A 61 -11.50 -3.63 6.40
CA ILE A 61 -11.74 -4.17 7.76
C ILE A 61 -10.60 -5.09 8.23
N ALA A 62 -10.21 -6.02 7.35
CA ALA A 62 -9.19 -7.01 7.71
C ALA A 62 -7.83 -6.36 7.95
N ALA A 63 -7.47 -5.39 7.12
CA ALA A 63 -6.17 -4.74 7.23
C ALA A 63 -6.09 -3.89 8.49
N ARG A 64 -7.16 -3.16 8.81
CA ARG A 64 -7.17 -2.38 10.04
C ARG A 64 -7.01 -3.32 11.26
N ALA A 65 -7.70 -4.46 11.21
CA ALA A 65 -7.67 -5.42 12.32
C ALA A 65 -6.26 -6.01 12.52
N ALA A 66 -5.60 -6.37 11.41
CA ALA A 66 -4.21 -6.81 11.45
C ALA A 66 -3.30 -5.75 12.09
N LEU A 67 -3.45 -4.50 11.66
CA LEU A 67 -2.59 -3.46 12.20
C LEU A 67 -2.83 -3.26 13.71
N GLU A 68 -4.09 -3.31 14.12
CA GLU A 68 -4.43 -3.10 15.53
C GLU A 68 -3.94 -4.27 16.38
N ALA A 69 -3.74 -5.41 15.74
CA ALA A 69 -3.22 -6.61 16.40
C ALA A 69 -1.69 -6.65 16.39
N GLY A 70 -1.07 -5.58 15.88
CA GLY A 70 0.39 -5.47 15.86
C GLY A 70 1.12 -5.97 14.60
N ALA A 71 0.38 -6.22 13.52
CA ALA A 71 0.99 -6.73 12.27
C ALA A 71 2.09 -5.81 11.76
N PRO A 72 3.21 -6.39 11.28
CA PRO A 72 4.22 -5.54 10.64
C PRO A 72 3.75 -5.07 9.25
N ILE A 73 4.37 -4.01 8.76
CA ILE A 73 4.07 -3.48 7.45
C ILE A 73 5.30 -3.70 6.58
N LEU A 74 5.14 -4.51 5.53
CA LEU A 74 6.24 -4.85 4.65
C LEU A 74 6.17 -4.00 3.38
N CYS A 75 7.25 -3.28 3.11
CA CYS A 75 7.27 -2.20 2.10
C CYS A 75 8.27 -2.50 0.99
N ASP A 76 7.88 -2.27 -0.26
CA ASP A 76 8.81 -2.57 -1.37
C ASP A 76 9.95 -1.55 -1.55
N ALA A 77 9.76 -0.33 -1.05
CA ALA A 77 10.74 0.74 -1.21
C ALA A 77 10.79 1.66 0.00
N ARG A 78 11.91 2.36 0.16
CA ARG A 78 12.09 3.26 1.30
C ARG A 78 11.14 4.46 1.23
N MET A 79 10.74 4.85 0.01
CA MET A 79 9.76 5.93 -0.14
CA MET A 79 9.79 5.94 -0.13
C MET A 79 8.42 5.56 0.46
N VAL A 80 8.16 4.26 0.56
CA VAL A 80 6.97 3.79 1.28
C VAL A 80 7.24 3.69 2.78
N SER A 81 8.30 2.97 3.15
CA SER A 81 8.56 2.74 4.58
C SER A 81 8.80 4.04 5.34
N GLU A 82 9.53 4.97 4.72
CA GLU A 82 9.85 6.24 5.37
C GLU A 82 8.65 7.20 5.38
N GLY A 83 7.65 6.90 4.57
CA GLY A 83 6.41 7.67 4.48
C GLY A 83 5.50 7.44 5.65
N ILE A 84 5.39 6.18 6.06
CA ILE A 84 4.42 5.75 7.07
C ILE A 84 4.57 6.60 8.34
N THR A 85 3.46 7.15 8.81
CA THR A 85 3.45 8.03 9.98
C THR A 85 3.49 7.18 11.25
N ARG A 86 4.65 7.15 11.91
CA ARG A 86 4.83 6.30 13.10
C ARG A 86 3.82 6.68 14.21
N ALA A 87 3.52 7.97 14.33
CA ALA A 87 2.52 8.44 15.31
C ALA A 87 1.10 7.88 15.08
N ARG A 88 0.84 7.40 13.87
CA ARG A 88 -0.49 6.86 13.55
C ARG A 88 -0.58 5.35 13.81
N LEU A 89 0.55 4.69 14.07
CA LEU A 89 0.54 3.23 14.22
C LEU A 89 -0.07 2.84 15.56
N PRO A 90 -1.00 1.87 15.54
CA PRO A 90 -1.80 1.59 16.74
C PRO A 90 -1.14 0.66 17.75
N ALA A 91 -0.16 -0.12 17.31
CA ALA A 91 0.38 -1.20 18.14
C ALA A 91 1.88 -1.40 17.93
N LYS A 92 2.63 -0.31 17.90
CA LYS A 92 4.10 -0.38 17.83
C LYS A 92 4.57 -1.25 16.65
N ASN A 93 3.81 -1.16 15.56
CA ASN A 93 4.02 -2.00 14.38
C ASN A 93 5.38 -1.75 13.76
N GLU A 94 6.08 -2.84 13.39
CA GLU A 94 7.36 -2.70 12.70
C GLU A 94 7.06 -2.27 11.27
N VAL A 95 7.88 -1.36 10.75
CA VAL A 95 7.80 -0.97 9.34
C VAL A 95 9.10 -1.43 8.68
N ILE A 96 8.95 -2.34 7.73
CA ILE A 96 10.10 -3.04 7.20
C ILE A 96 10.28 -2.84 5.70
N CYS A 97 11.52 -2.56 5.30
CA CYS A 97 11.91 -2.57 3.88
C CYS A 97 13.28 -3.24 3.78
N THR A 98 13.35 -4.32 3.02
CA THR A 98 14.57 -5.12 2.92
C THR A 98 15.37 -4.85 1.64
N LEU A 99 14.91 -3.86 0.87
CA LEU A 99 15.51 -3.54 -0.43
C LEU A 99 17.02 -3.26 -0.38
N GLN A 100 17.47 -2.57 0.67
CA GLN A 100 18.89 -2.19 0.81
C GLN A 100 19.72 -3.20 1.59
N ASP A 101 19.15 -4.34 1.94
CA ASP A 101 19.93 -5.38 2.59
C ASP A 101 21.12 -5.73 1.68
N PRO A 102 22.32 -5.86 2.27
CA PRO A 102 23.50 -6.08 1.43
C PRO A 102 23.52 -7.38 0.63
N ARG A 103 22.66 -8.34 0.98
CA ARG A 103 22.57 -9.62 0.26
C ARG A 103 21.68 -9.56 -0.99
N VAL A 104 20.92 -8.49 -1.14
CA VAL A 104 19.91 -8.39 -2.22
C VAL A 104 20.54 -8.34 -3.65
N PRO A 105 21.61 -7.55 -3.84
CA PRO A 105 22.17 -7.48 -5.20
C PRO A 105 22.58 -8.86 -5.77
N ALA A 106 23.27 -9.66 -4.96
CA ALA A 106 23.69 -10.99 -5.40
C ALA A 106 22.50 -11.94 -5.56
N LEU A 107 21.52 -11.81 -4.66
CA LEU A 107 20.32 -12.64 -4.73
C LEU A 107 19.54 -12.35 -6.01
N ALA A 108 19.40 -11.07 -6.33
CA ALA A 108 18.73 -10.66 -7.55
C ALA A 108 19.45 -11.25 -8.78
N GLN A 109 20.77 -11.18 -8.78
CA GLN A 109 21.55 -11.76 -9.90
C GLN A 109 21.31 -13.26 -10.03
N GLU A 110 21.36 -13.98 -8.90
CA GLU A 110 21.12 -15.43 -8.90
C GLU A 110 19.70 -15.79 -9.34
N MET A 111 18.73 -14.98 -8.93
CA MET A 111 17.33 -15.21 -9.27
C MET A 111 16.99 -14.76 -10.70
N GLY A 112 17.87 -13.99 -11.33
CA GLY A 112 17.58 -13.37 -12.62
C GLY A 112 16.37 -12.44 -12.52
N ASN A 113 16.34 -11.65 -11.45
CA ASN A 113 15.21 -10.77 -11.19
C ASN A 113 15.70 -9.41 -10.70
N THR A 114 14.76 -8.48 -10.51
CA THR A 114 15.07 -7.15 -9.95
C THR A 114 15.47 -7.24 -8.48
N ARG A 115 16.17 -6.22 -7.99
CA ARG A 115 16.45 -6.12 -6.57
C ARG A 115 15.15 -5.97 -5.77
N SER A 116 14.18 -5.21 -6.32
CA SER A 116 12.87 -5.03 -5.66
C SER A 116 12.20 -6.38 -5.41
N ALA A 117 12.24 -7.26 -6.40
CA ALA A 117 11.59 -8.56 -6.25
C ALA A 117 12.40 -9.49 -5.33
N ALA A 118 13.72 -9.53 -5.52
CA ALA A 118 14.56 -10.43 -4.72
C ALA A 118 14.45 -10.12 -3.23
N ALA A 119 14.29 -8.84 -2.90
CA ALA A 119 14.21 -8.43 -1.50
C ALA A 119 13.03 -9.05 -0.76
N LEU A 120 11.95 -9.38 -1.48
CA LEU A 120 10.78 -10.01 -0.85
C LEU A 120 11.08 -11.40 -0.26
N GLU A 121 12.12 -12.06 -0.76
CA GLU A 121 12.52 -13.33 -0.15
C GLU A 121 12.86 -13.14 1.34
N LEU A 122 13.44 -11.99 1.67
CA LEU A 122 13.78 -11.68 3.06
C LEU A 122 12.58 -11.32 3.94
N TRP A 123 11.40 -11.19 3.32
CA TRP A 123 10.17 -10.93 4.06
C TRP A 123 9.62 -12.18 4.75
N ARG A 124 10.06 -13.36 4.32
CA ARG A 124 9.41 -14.60 4.78
C ARG A 124 9.17 -14.68 6.30
N PRO A 125 10.19 -14.35 7.12
CA PRO A 125 9.97 -14.48 8.56
C PRO A 125 8.93 -13.50 9.14
N LYS A 126 8.65 -12.41 8.43
CA LYS A 126 7.65 -11.44 8.89
C LYS A 126 6.34 -11.46 8.12
N LEU A 127 6.24 -12.32 7.10
CA LEU A 127 5.10 -12.27 6.18
C LEU A 127 3.76 -12.75 6.76
N GLU A 128 3.77 -13.74 7.64
CA GLU A 128 2.51 -14.28 8.13
C GLU A 128 1.71 -13.22 8.90
N GLY A 129 0.54 -12.87 8.38
CA GLY A 129 -0.33 -11.85 9.00
C GLY A 129 0.10 -10.41 8.79
N ALA A 130 1.13 -10.20 7.97
CA ALA A 130 1.60 -8.84 7.69
C ALA A 130 0.63 -8.05 6.82
N VAL A 131 0.77 -6.74 6.85
CA VAL A 131 0.17 -5.87 5.82
C VAL A 131 1.27 -5.52 4.82
N VAL A 132 1.09 -5.95 3.57
CA VAL A 132 2.03 -5.69 2.48
C VAL A 132 1.68 -4.36 1.82
N ALA A 133 2.70 -3.53 1.61
CA ALA A 133 2.52 -2.21 0.99
C ALA A 133 3.51 -2.13 -0.18
N ILE A 134 3.03 -2.43 -1.39
CA ILE A 134 3.86 -2.34 -2.59
C ILE A 134 3.44 -1.13 -3.42
N GLY A 135 4.28 -0.11 -3.43
CA GLY A 135 3.93 1.14 -4.09
C GLY A 135 4.75 1.46 -5.30
N ASN A 136 5.75 0.65 -5.58
CA ASN A 136 6.65 0.97 -6.64
CA ASN A 136 6.66 0.98 -6.64
C ASN A 136 6.69 -0.12 -7.70
N ALA A 137 7.28 -1.26 -7.33
CA ALA A 137 7.75 -2.26 -8.29
C ALA A 137 6.76 -3.33 -8.72
N PRO A 138 6.33 -3.28 -9.99
CA PRO A 138 5.46 -4.37 -10.45
C PRO A 138 6.11 -5.74 -10.30
N THR A 139 7.43 -5.81 -10.48
CA THR A 139 8.08 -7.14 -10.36
C THR A 139 7.98 -7.67 -8.92
N ALA A 140 7.96 -6.78 -7.93
CA ALA A 140 7.74 -7.21 -6.53
C ALA A 140 6.34 -7.82 -6.36
N LEU A 141 5.33 -7.17 -6.94
CA LEU A 141 3.96 -7.68 -6.83
C LEU A 141 3.82 -9.03 -7.55
N PHE A 142 4.34 -9.11 -8.78
CA PHE A 142 4.31 -10.38 -9.52
C PHE A 142 5.04 -11.48 -8.76
N HIS A 143 6.20 -11.14 -8.22
CA HIS A 143 6.98 -12.13 -7.51
C HIS A 143 6.25 -12.61 -6.25
N LEU A 144 5.63 -11.67 -5.53
CA LEU A 144 4.83 -12.04 -4.37
C LEU A 144 3.73 -13.03 -4.73
N LEU A 145 3.03 -12.80 -5.85
CA LEU A 145 1.98 -13.72 -6.29
C LEU A 145 2.58 -15.10 -6.52
N ASN A 146 3.75 -15.17 -7.15
CA ASN A 146 4.44 -16.47 -7.32
C ASN A 146 4.85 -17.10 -6.00
N MET A 147 5.38 -16.31 -5.07
CA MET A 147 5.72 -16.85 -3.74
C MET A 147 4.51 -17.52 -3.08
N LEU A 148 3.34 -16.89 -3.23
CA LEU A 148 2.12 -17.32 -2.51
C LEU A 148 1.45 -18.50 -3.19
N GLU A 149 1.93 -18.87 -4.38
CA GLU A 149 1.50 -20.09 -5.06
C GLU A 149 2.03 -21.35 -4.39
N ASP A 150 3.02 -21.18 -3.51
CA ASP A 150 3.56 -22.29 -2.71
C ASP A 150 2.81 -22.30 -1.37
N PRO A 151 2.09 -23.42 -1.08
CA PRO A 151 1.35 -23.49 0.20
C PRO A 151 2.23 -23.41 1.45
N ALA A 152 3.52 -23.63 1.31
CA ALA A 152 4.46 -23.48 2.42
C ALA A 152 4.80 -22.02 2.77
N CYS A 153 4.58 -21.10 1.82
CA CYS A 153 4.90 -19.70 2.05
C CYS A 153 3.98 -19.07 3.10
N PRO A 154 4.55 -18.34 4.09
CA PRO A 154 3.67 -17.60 5.02
C PRO A 154 2.81 -16.61 4.23
N ARG A 155 1.60 -16.37 4.71
CA ARG A 155 0.63 -15.56 3.98
C ARG A 155 0.28 -14.29 4.75
N PRO A 156 0.30 -13.14 4.06
CA PRO A 156 -0.04 -11.87 4.71
C PRO A 156 -1.54 -11.75 5.00
N ALA A 157 -1.90 -10.82 5.89
CA ALA A 157 -3.29 -10.50 6.19
C ALA A 157 -3.97 -9.67 5.09
N ALA A 158 -3.17 -8.87 4.39
CA ALA A 158 -3.68 -7.98 3.33
C ALA A 158 -2.56 -7.50 2.43
N ILE A 159 -2.90 -7.18 1.19
CA ILE A 159 -1.93 -6.62 0.27
C ILE A 159 -2.46 -5.30 -0.30
N ILE A 160 -1.70 -4.24 -0.08
CA ILE A 160 -1.96 -2.96 -0.76
C ILE A 160 -1.07 -3.02 -1.98
N GLY A 161 -1.68 -3.31 -3.13
CA GLY A 161 -0.92 -3.54 -4.36
C GLY A 161 -1.09 -2.37 -5.30
N CYS A 162 -0.30 -1.32 -5.08
CA CYS A 162 -0.40 -0.10 -5.89
C CYS A 162 0.89 0.32 -6.61
N PRO A 163 1.59 -0.62 -7.28
CA PRO A 163 2.74 -0.15 -8.07
C PRO A 163 2.27 0.73 -9.21
N VAL A 164 3.17 1.60 -9.66
CA VAL A 164 2.82 2.61 -10.66
C VAL A 164 3.62 2.31 -11.92
N GLY A 165 3.15 2.74 -13.08
CA GLY A 165 4.04 2.72 -14.24
C GLY A 165 3.46 2.23 -15.54
N PHE A 166 4.32 2.09 -16.53
CA PHE A 166 3.92 1.80 -17.90
C PHE A 166 4.17 0.37 -18.31
N ILE A 167 5.13 -0.25 -17.63
CA ILE A 167 5.58 -1.61 -17.96
C ILE A 167 5.31 -2.54 -16.77
N GLY A 168 4.30 -3.38 -16.93
CA GLY A 168 4.03 -4.38 -15.95
C GLY A 168 3.15 -3.96 -14.79
N ALA A 169 2.99 -2.66 -14.55
CA ALA A 169 2.23 -2.22 -13.37
C ALA A 169 0.76 -2.64 -13.44
N ALA A 170 0.08 -2.23 -14.51
CA ALA A 170 -1.33 -2.58 -14.67
C ALA A 170 -1.54 -4.09 -14.63
N GLU A 171 -0.67 -4.82 -15.32
CA GLU A 171 -0.73 -6.28 -15.34
C GLU A 171 -0.58 -6.91 -13.97
N SER A 172 0.35 -6.40 -13.17
CA SER A 172 0.63 -6.99 -11.85
C SER A 172 -0.58 -6.81 -10.93
N LYS A 173 -1.24 -5.67 -11.02
CA LYS A 173 -2.37 -5.39 -10.14
C LYS A 173 -3.60 -6.16 -10.60
N ALA A 174 -3.82 -6.23 -11.93
CA ALA A 174 -4.92 -7.04 -12.44
C ALA A 174 -4.74 -8.52 -12.03
N ALA A 175 -3.50 -9.01 -12.05
CA ALA A 175 -3.19 -10.37 -11.66
C ALA A 175 -3.45 -10.62 -10.17
N LEU A 176 -3.11 -9.63 -9.33
CA LEU A 176 -3.41 -9.70 -7.91
C LEU A 176 -4.91 -9.88 -7.67
N ALA A 177 -5.73 -9.07 -8.35
CA ALA A 177 -7.18 -9.12 -8.17
C ALA A 177 -7.74 -10.46 -8.61
N VAL A 178 -7.22 -10.97 -9.72
CA VAL A 178 -7.70 -12.27 -10.26
C VAL A 178 -7.31 -13.43 -9.34
N ALA A 179 -6.06 -13.40 -8.84
CA ALA A 179 -5.53 -14.45 -8.00
C ALA A 179 -6.20 -14.44 -6.64
N ASN A 180 -6.57 -13.25 -6.17
CA ASN A 180 -7.27 -13.09 -4.89
C ASN A 180 -6.61 -13.91 -3.77
N PRO A 181 -5.28 -13.77 -3.61
CA PRO A 181 -4.60 -14.64 -2.64
C PRO A 181 -4.97 -14.35 -1.18
N VAL A 182 -5.10 -13.07 -0.85
CA VAL A 182 -5.49 -12.59 0.47
C VAL A 182 -6.22 -11.25 0.16
N PRO A 183 -6.93 -10.67 1.14
CA PRO A 183 -7.65 -9.42 0.84
C PRO A 183 -6.73 -8.32 0.29
N TRP A 184 -7.19 -7.61 -0.73
CA TRP A 184 -6.34 -6.72 -1.51
C TRP A 184 -7.02 -5.39 -1.82
N VAL A 185 -6.21 -4.37 -2.08
CA VAL A 185 -6.68 -3.13 -2.72
C VAL A 185 -5.72 -2.81 -3.85
N ILE A 186 -6.25 -2.33 -4.97
CA ILE A 186 -5.38 -1.87 -6.08
C ILE A 186 -5.87 -0.54 -6.60
N VAL A 187 -4.99 0.15 -7.30
CA VAL A 187 -5.39 1.18 -8.25
C VAL A 187 -5.22 0.57 -9.64
N GLU A 188 -6.33 0.36 -10.35
CA GLU A 188 -6.27 -0.27 -11.67
C GLU A 188 -5.55 0.65 -12.65
N GLY A 189 -4.72 0.08 -13.51
CA GLY A 189 -4.11 0.83 -14.61
C GLY A 189 -2.70 1.26 -14.29
N ARG A 190 -2.29 2.40 -14.84
CA ARG A 190 -0.90 2.86 -14.70
C ARG A 190 -0.66 3.65 -13.43
N LEU A 191 -1.72 4.25 -12.88
CA LEU A 191 -1.58 5.08 -11.68
C LEU A 191 -1.30 4.25 -10.40
N GLY A 192 -0.65 4.89 -9.44
CA GLY A 192 -0.32 4.21 -8.18
C GLY A 192 0.80 4.98 -7.52
N GLY A 193 1.69 4.26 -6.84
CA GLY A 193 2.91 4.88 -6.34
C GLY A 193 3.03 4.91 -4.83
N SER A 194 4.19 5.38 -4.38
CA SER A 194 4.53 5.38 -2.96
C SER A 194 3.54 6.20 -2.14
N ALA A 195 3.17 7.38 -2.64
CA ALA A 195 2.34 8.31 -1.85
C ALA A 195 0.92 7.76 -1.64
N ILE A 196 0.34 7.21 -2.70
CA ILE A 196 -0.97 6.58 -2.61
C ILE A 196 -0.93 5.36 -1.67
N THR A 197 0.15 4.59 -1.78
CA THR A 197 0.35 3.38 -0.93
C THR A 197 0.48 3.71 0.57
N VAL A 198 1.34 4.68 0.88
CA VAL A 198 1.50 5.20 2.24
C VAL A 198 0.17 5.75 2.78
N ALA A 199 -0.55 6.50 1.95
CA ALA A 199 -1.84 7.03 2.36
C ALA A 199 -2.79 5.91 2.77
N ALA A 200 -2.80 4.83 2.00
CA ALA A 200 -3.65 3.69 2.33
C ALA A 200 -3.27 3.09 3.69
N VAL A 201 -1.98 2.91 3.91
CA VAL A 201 -1.49 2.37 5.19
C VAL A 201 -1.88 3.32 6.33
N ASN A 202 -1.58 4.60 6.16
CA ASN A 202 -1.85 5.60 7.19
C ASN A 202 -3.35 5.68 7.52
N ALA A 203 -4.19 5.52 6.49
CA ALA A 203 -5.64 5.52 6.68
C ALA A 203 -6.09 4.32 7.53
N LEU A 204 -5.53 3.16 7.22
CA LEU A 204 -5.96 1.92 7.86
C LEU A 204 -5.37 1.79 9.27
N ALA A 205 -4.29 2.52 9.55
CA ALA A 205 -3.56 2.39 10.83
C ALA A 205 -4.31 3.03 12.00
N CYS A 206 -5.04 4.10 11.71
CA CYS A 206 -5.58 4.95 12.75
C CYS A 206 -7.02 5.31 12.42
N ARG A 207 -7.90 5.24 13.41
CA ARG A 207 -9.33 5.49 13.19
C ARG A 207 -9.63 6.99 13.04
N LYS A 208 -8.71 7.82 13.51
CA LYS A 208 -8.79 9.28 13.37
C LYS A 208 -8.20 9.73 12.03
N GLU A 209 -8.99 10.44 11.23
CA GLU A 209 -8.50 11.01 9.97
C GLU A 209 -7.35 11.99 10.19
C1 0UK B . 3.28 15.67 6.26
C2 0UK B . 4.04 14.76 7.28
C3 0UK B . 4.37 13.50 6.43
C4 0UK B . 3.24 13.52 5.41
C5 0UK B . 2.65 12.37 4.65
C6 0UK B . 1.81 12.58 3.59
C7 0UK B . 1.12 11.59 2.64
C8 0UK B . 1.13 12.43 1.36
C9 0UK B . 1.02 13.79 1.98
C10 0UK B . 0.50 14.98 1.30
C11 0UK B . 0.05 16.12 1.91
C12 0UK B . -0.40 17.33 1.13
C13 0UK B . -0.33 18.50 2.15
C14 0UK B . 0.06 17.82 3.48
C15 0UK B . -0.48 18.34 4.83
C16 0UK B . 0.54 17.90 5.87
C17 0UK B . 1.09 18.75 7.00
C18 0UK B . 2.37 17.96 7.33
C19 0UK B . 2.10 16.50 6.86
C20 0UK B . 4.18 16.64 5.49
N21 0UK B . 2.76 14.69 5.29
N22 0UK B . 1.48 13.81 3.17
N23 0UK B . 0.00 16.38 3.23
N24 0UK B . 1.04 16.74 5.87
C25 0UK B . 5.24 15.51 7.84
C26 0UK B . 3.16 14.28 8.45
C27 0UK B . 3.87 13.23 9.31
O28 0UK B . 3.86 12.03 8.96
O29 0UK B . 4.47 13.60 10.35
C30 0UK B . 5.79 13.42 5.82
C31 0UK B . 6.88 12.98 6.82
C32 0UK B . 8.26 12.75 6.21
O33 0UK B . 9.29 12.65 6.94
O34 0UK B . 8.36 12.65 4.97
C35 0UK B . 3.02 10.95 5.06
C36 0UK B . 1.88 10.26 2.43
C37 0UK B . -0.36 11.36 3.00
C38 0UK B . -0.59 10.81 4.39
O39 0UK B . -0.66 11.61 5.36
O40 0UK B . -0.72 9.56 4.49
C41 0UK B . 2.43 12.25 0.56
C42 0UK B . 2.47 12.96 -0.79
C43 0UK B . 3.76 12.61 -1.55
O44 0UK B . 4.78 12.16 -0.99
O45 0UK B . 3.76 12.79 -2.77
C46 0UK B . -1.64 17.02 0.28
C47 0UK B . 0.79 17.67 0.26
C48 0UK B . -1.28 19.72 2.24
C49 0UK B . -2.16 20.11 1.05
C50 0UK B . -3.49 19.45 1.31
O51 0UK B . -3.66 18.93 2.44
O52 0UK B . -4.36 19.39 0.41
C54 0UK B . 0.08 18.72 8.15
C55 0UK B . 1.33 20.24 6.63
C56 0UK B . 2.17 20.53 5.37
C57 0UK B . 1.58 21.64 4.50
O58 0UK B . 2.39 22.39 3.94
O59 0UK B . 0.34 21.77 4.33
C60 0UK B . 2.83 18.05 8.80
C61 0UK B . 3.55 19.34 9.15
O62 0UK B . 3.20 19.95 10.20
O63 0UK B . 4.46 19.78 8.43
C64 0UK B . -1.90 17.89 5.19
C1 GOL C . 8.70 -15.96 -9.11
O1 GOL C . 8.57 -14.64 -9.61
C2 GOL C . 10.00 -16.59 -9.54
O2 GOL C . 11.05 -16.01 -8.79
C3 GOL C . 10.25 -16.33 -11.02
O3 GOL C . 9.05 -16.61 -11.72
C1 GOL D . -7.42 -14.98 2.89
O1 GOL D . -6.81 -14.35 4.00
C2 GOL D . -6.39 -15.81 2.13
O2 GOL D . -6.94 -16.37 0.97
C3 GOL D . -5.79 -16.93 2.96
O3 GOL D . -4.40 -16.75 2.94
#